data_8EA6
#
_entry.id   8EA6
#
_cell.length_a   100.635
_cell.length_b   44.675
_cell.length_c   64.953
_cell.angle_alpha   90.000
_cell.angle_beta   106.180
_cell.angle_gamma   90.000
#
_symmetry.space_group_name_H-M   'C 1 2 1'
#
loop_
_entity.id
_entity.type
_entity.pdbx_description
1 polymer 'NKG2-D type II integral membrane protein'
2 non-polymer "N-{(1S)-2-(dimethylamino)-2-oxo-1-[3-(trifluoromethyl)phenyl]ethyl}-4'-(trifluoromethyl)[1,1'-biphenyl]-2-carboxamide"
3 water water
#
_entity_poly.entity_id   1
_entity_poly.type   'polypeptide(L)'
_entity_poly.pdbx_seq_one_letter_code
;MGPLTESYCGPCPKNWICYKNNCYQFFDEEKNWYESQASCMSQNASLLKVYSKEDQDLLKLVKSYHWMGLVHIPTNGSWQ
WEDGSSLSPNLLTIIEMQKGDCALYASSFKGYIENCSTPNTYICMQRTV
;
_entity_poly.pdbx_strand_id   B,A
#
loop_
_chem_comp.id
_chem_comp.type
_chem_comp.name
_chem_comp.formula
VMB non-polymer N-{(1S)-2-(dimethylamino)-2-oxo-1-[3-(trifluoromethyl)phenyl]ethyl}-4'-(trifluoromethyl)[1,1'-biphenyl]-2-carboxamide 'C25 H20 F6 N2 O2'
#
# COMPACT_ATOMS: atom_id res chain seq x y z
N GLU A 6 4.98 -10.04 -17.33
CA GLU A 6 3.79 -9.21 -17.33
C GLU A 6 2.51 -10.05 -17.38
N SER A 7 1.73 -10.01 -16.30
CA SER A 7 0.58 -10.87 -16.13
C SER A 7 -0.57 -10.06 -15.53
N TYR A 8 -1.68 -10.72 -15.27
CA TYR A 8 -2.83 -10.11 -14.63
C TYR A 8 -2.88 -10.50 -13.16
N CYS A 9 -3.68 -9.76 -12.40
CA CYS A 9 -3.80 -9.93 -10.96
C CYS A 9 -5.28 -9.99 -10.63
N GLY A 10 -5.72 -11.09 -10.02
CA GLY A 10 -7.10 -11.21 -9.62
C GLY A 10 -7.52 -12.66 -9.46
N PRO A 11 -8.84 -12.90 -9.44
CA PRO A 11 -9.85 -11.84 -9.54
C PRO A 11 -10.08 -11.09 -8.22
N CYS A 12 -10.40 -9.79 -8.29
CA CYS A 12 -10.64 -8.96 -7.13
C CYS A 12 -11.82 -8.03 -7.40
N PRO A 13 -12.44 -7.51 -6.35
CA PRO A 13 -13.37 -6.39 -6.53
C PRO A 13 -12.64 -5.15 -7.04
N LYS A 14 -13.38 -4.30 -7.77
CA LYS A 14 -12.74 -3.25 -8.56
C LYS A 14 -11.97 -2.27 -7.68
N ASN A 15 -12.47 -1.98 -6.48
CA ASN A 15 -11.86 -0.96 -5.64
C ASN A 15 -10.93 -1.55 -4.58
N TRP A 16 -10.47 -2.79 -4.78
CA TRP A 16 -9.50 -3.42 -3.90
C TRP A 16 -8.12 -3.38 -4.53
N ILE A 17 -7.09 -3.45 -3.69
CA ILE A 17 -5.70 -3.54 -4.14
C ILE A 17 -5.37 -5.00 -4.44
N CYS A 18 -4.74 -5.26 -5.58
CA CYS A 18 -4.37 -6.62 -5.95
C CYS A 18 -2.86 -6.75 -5.93
N TYR A 19 -2.35 -7.78 -5.26
CA TYR A 19 -0.91 -8.00 -5.19
C TYR A 19 -0.65 -9.50 -5.15
N LYS A 20 0.02 -10.01 -6.18
CA LYS A 20 0.33 -11.43 -6.30
C LYS A 20 -0.92 -12.29 -6.12
N ASN A 21 -2.01 -11.88 -6.77
CA ASN A 21 -3.29 -12.60 -6.83
C ASN A 21 -3.98 -12.71 -5.47
N ASN A 22 -3.64 -11.85 -4.53
CA ASN A 22 -4.44 -11.66 -3.32
C ASN A 22 -5.01 -10.25 -3.34
N CYS A 23 -6.20 -10.09 -2.76
CA CYS A 23 -6.92 -8.82 -2.77
C CYS A 23 -6.89 -8.24 -1.36
N TYR A 24 -6.54 -6.96 -1.24
CA TYR A 24 -6.42 -6.32 0.06
C TYR A 24 -7.26 -5.04 0.11
N GLN A 25 -7.76 -4.73 1.30
CA GLN A 25 -8.45 -3.45 1.49
C GLN A 25 -8.16 -2.91 2.88
N PHE A 26 -7.83 -1.62 2.96
CA PHE A 26 -7.62 -0.94 4.24
C PHE A 26 -8.86 -0.18 4.66
N PHE A 27 -9.14 -0.21 5.95
CA PHE A 27 -10.28 0.49 6.54
C PHE A 27 -9.77 1.25 7.76
N ASP A 28 -9.84 2.56 7.70
CA ASP A 28 -9.39 3.42 8.80
C ASP A 28 -10.51 3.76 9.78
N GLU A 29 -11.70 3.17 9.63
CA GLU A 29 -12.65 3.21 10.73
C GLU A 29 -12.19 2.22 11.80
N GLU A 30 -12.31 2.62 13.06
CA GLU A 30 -11.88 1.77 14.17
C GLU A 30 -13.05 0.89 14.60
N LYS A 31 -12.80 -0.42 14.68
CA LYS A 31 -13.80 -1.39 15.11
C LYS A 31 -13.18 -2.44 16.00
N ASN A 32 -13.96 -3.00 16.93
CA ASN A 32 -13.41 -4.13 17.67
C ASN A 32 -13.22 -5.34 16.72
N TRP A 33 -12.64 -6.41 17.25
CA TRP A 33 -12.23 -7.50 16.37
C TRP A 33 -13.45 -8.13 15.69
N TYR A 34 -14.52 -8.32 16.46
CA TYR A 34 -15.70 -9.00 15.95
C TYR A 34 -16.38 -8.20 14.84
N GLU A 35 -16.57 -6.89 15.06
CA GLU A 35 -17.12 -6.02 14.03
C GLU A 35 -16.19 -5.91 12.83
N SER A 36 -14.87 -5.94 13.03
CA SER A 36 -13.95 -5.93 11.90
C SER A 36 -14.09 -7.18 11.05
N GLN A 37 -14.11 -8.34 11.71
CA GLN A 37 -14.35 -9.58 10.97
C GLN A 37 -15.70 -9.55 10.25
N ALA A 38 -16.74 -9.02 10.89
CA ALA A 38 -18.04 -8.96 10.22
C ALA A 38 -17.98 -8.07 8.98
N SER A 39 -17.24 -6.97 9.05
CA SER A 39 -17.14 -6.08 7.90
C SER A 39 -16.43 -6.75 6.73
N CYS A 40 -15.36 -7.49 7.00
CA CYS A 40 -14.71 -8.26 5.94
C CYS A 40 -15.66 -9.31 5.36
N MET A 41 -16.39 -9.99 6.23
CA MET A 41 -17.27 -11.06 5.76
C MET A 41 -18.37 -10.51 4.88
N SER A 42 -18.86 -9.29 5.19
CA SER A 42 -19.91 -8.67 4.39
C SER A 42 -19.45 -8.39 2.97
N GLN A 43 -18.14 -8.31 2.74
CA GLN A 43 -17.57 -8.13 1.41
C GLN A 43 -16.98 -9.42 0.86
N ASN A 44 -17.48 -10.57 1.32
CA ASN A 44 -17.01 -11.87 0.83
C ASN A 44 -15.52 -12.04 1.07
N ALA A 45 -15.03 -11.60 2.24
CA ALA A 45 -13.61 -11.64 2.54
C ALA A 45 -13.44 -12.02 4.02
N SER A 46 -12.21 -11.98 4.51
CA SER A 46 -11.91 -12.21 5.92
C SER A 46 -10.84 -11.22 6.37
N LEU A 47 -10.63 -11.16 7.68
CA LEU A 47 -9.52 -10.35 8.14
C LEU A 47 -8.21 -10.93 7.61
N LEU A 48 -7.20 -10.07 7.53
CA LEU A 48 -5.90 -10.43 6.99
C LEU A 48 -5.41 -11.76 7.56
N LYS A 49 -4.99 -12.64 6.67
CA LYS A 49 -4.34 -13.88 7.03
C LYS A 49 -2.95 -13.88 6.44
N VAL A 50 -1.95 -14.18 7.27
CA VAL A 50 -0.56 -14.21 6.85
C VAL A 50 -0.16 -15.67 6.65
N TYR A 51 0.11 -16.04 5.40
CA TYR A 51 0.47 -17.40 5.04
C TYR A 51 1.81 -17.51 4.31
N SER A 52 2.37 -16.41 3.79
CA SER A 52 3.61 -16.49 3.00
C SER A 52 4.39 -15.19 3.10
N LYS A 53 5.61 -15.25 3.63
CA LYS A 53 6.45 -14.04 3.65
C LYS A 53 6.82 -13.60 2.24
N GLU A 54 7.00 -14.55 1.33
CA GLU A 54 7.45 -14.21 -0.03
C GLU A 54 6.31 -13.62 -0.85
N ASP A 55 5.13 -14.23 -0.80
CA ASP A 55 4.02 -13.81 -1.63
C ASP A 55 3.22 -12.67 -1.03
N GLN A 56 3.43 -12.36 0.25
CA GLN A 56 2.81 -11.22 0.91
C GLN A 56 3.87 -10.22 1.40
N ASP A 57 4.96 -10.07 0.66
CA ASP A 57 6.04 -9.21 1.13
C ASP A 57 5.61 -7.74 1.17
N LEU A 58 4.54 -7.38 0.46
CA LEU A 58 3.96 -6.06 0.58
C LEU A 58 3.62 -5.70 2.02
N LEU A 59 3.39 -6.70 2.88
CA LEU A 59 3.09 -6.41 4.29
C LEU A 59 4.27 -5.78 5.01
N LYS A 60 5.46 -5.82 4.43
CA LYS A 60 6.58 -5.11 5.05
C LYS A 60 6.35 -3.61 5.05
N LEU A 61 5.48 -3.11 4.19
CA LEU A 61 5.26 -1.67 4.05
C LEU A 61 4.08 -1.17 4.85
N VAL A 62 3.39 -2.07 5.57
CA VAL A 62 2.20 -1.71 6.32
C VAL A 62 2.63 -1.14 7.67
N LYS A 63 2.27 0.11 7.93
CA LYS A 63 2.65 0.80 9.17
C LYS A 63 1.53 0.69 10.22
N SER A 64 1.85 1.17 11.42
CA SER A 64 0.91 1.22 12.55
C SER A 64 0.46 -0.20 12.90
N TYR A 65 -0.75 -0.32 13.47
CA TYR A 65 -1.30 -1.59 13.95
C TYR A 65 -2.68 -1.80 13.34
N HIS A 66 -2.97 -3.03 12.87
CA HIS A 66 -4.23 -3.34 12.23
C HIS A 66 -4.71 -4.74 12.62
N TRP A 67 -6.02 -4.89 12.83
CA TRP A 67 -6.52 -6.22 13.12
C TRP A 67 -6.18 -7.19 11.99
N MET A 68 -5.74 -8.38 12.37
CA MET A 68 -5.69 -9.53 11.47
C MET A 68 -6.52 -10.66 12.07
N GLY A 69 -6.66 -11.75 11.31
CA GLY A 69 -7.60 -12.82 11.67
C GLY A 69 -7.11 -13.88 12.63
N LEU A 70 -6.11 -13.54 13.46
CA LEU A 70 -5.47 -14.50 14.35
C LEU A 70 -6.09 -14.43 15.74
N VAL A 71 -6.48 -15.59 16.27
CA VAL A 71 -7.19 -15.67 17.55
C VAL A 71 -6.49 -16.66 18.46
N HIS A 72 -6.74 -16.49 19.75
CA HIS A 72 -6.09 -17.26 20.80
C HIS A 72 -7.08 -18.23 21.43
N ILE A 73 -6.66 -19.49 21.55
CA ILE A 73 -7.45 -20.47 22.28
C ILE A 73 -6.88 -20.62 23.69
N PRO A 74 -7.39 -19.88 24.68
CA PRO A 74 -6.77 -19.92 26.01
C PRO A 74 -6.67 -21.32 26.60
N THR A 75 -7.64 -22.19 26.34
CA THR A 75 -7.62 -23.52 26.94
C THR A 75 -6.44 -24.36 26.49
N ASN A 76 -5.81 -24.01 25.36
CA ASN A 76 -4.64 -24.73 24.86
C ASN A 76 -3.43 -23.84 24.66
N GLY A 77 -3.58 -22.53 24.64
CA GLY A 77 -2.47 -21.62 24.46
C GLY A 77 -2.04 -21.41 23.03
N SER A 78 -2.68 -22.06 22.06
CA SER A 78 -2.31 -21.94 20.66
C SER A 78 -2.97 -20.71 20.01
N TRP A 79 -2.38 -20.27 18.91
CA TRP A 79 -2.94 -19.23 18.04
C TRP A 79 -3.32 -19.85 16.71
N GLN A 80 -4.47 -19.45 16.18
CA GLN A 80 -4.95 -20.01 14.93
C GLN A 80 -5.70 -18.92 14.17
N TRP A 81 -5.91 -19.16 12.88
CA TRP A 81 -6.67 -18.20 12.10
C TRP A 81 -8.17 -18.42 12.30
N GLU A 82 -8.94 -17.37 12.01
CA GLU A 82 -10.37 -17.39 12.29
C GLU A 82 -11.07 -18.57 11.64
N ASP A 83 -10.57 -19.04 10.50
CA ASP A 83 -11.18 -20.18 9.83
C ASP A 83 -10.70 -21.52 10.36
N GLY A 84 -10.00 -21.55 11.50
CA GLY A 84 -9.56 -22.78 12.09
C GLY A 84 -8.20 -23.28 11.65
N SER A 85 -7.60 -22.69 10.61
CA SER A 85 -6.32 -23.16 10.13
C SER A 85 -5.21 -22.72 11.06
N SER A 86 -4.15 -23.52 11.12
CA SER A 86 -3.09 -23.26 12.07
C SER A 86 -2.16 -22.17 11.56
N LEU A 87 -1.39 -21.60 12.48
CA LEU A 87 -0.43 -20.56 12.15
C LEU A 87 0.88 -21.24 11.75
N SER A 88 1.32 -21.01 10.52
CA SER A 88 2.54 -21.64 10.05
C SER A 88 3.73 -21.11 10.85
N PRO A 89 4.71 -21.95 11.18
CA PRO A 89 5.95 -21.44 11.76
C PRO A 89 6.68 -20.58 10.74
N ASN A 90 7.58 -19.74 11.24
CA ASN A 90 8.47 -18.94 10.40
C ASN A 90 7.78 -17.73 9.81
N LEU A 91 6.57 -17.40 10.23
CA LEU A 91 5.79 -16.33 9.60
C LEU A 91 5.65 -15.11 10.49
N LEU A 92 5.16 -15.28 11.72
CA LEU A 92 4.89 -14.16 12.61
C LEU A 92 5.62 -14.34 13.92
N THR A 93 6.12 -13.24 14.49
CA THR A 93 6.62 -13.22 15.86
C THR A 93 5.53 -12.61 16.74
N ILE A 94 5.00 -13.41 17.67
CA ILE A 94 3.91 -12.97 18.55
C ILE A 94 4.52 -12.34 19.79
N ILE A 95 4.07 -11.15 20.14
CA ILE A 95 4.65 -10.37 21.22
C ILE A 95 3.54 -9.89 22.14
N GLU A 96 3.76 -10.04 23.45
CA GLU A 96 2.80 -9.54 24.42
C GLU A 96 2.68 -8.03 24.31
N MET A 97 1.47 -7.52 24.53
CA MET A 97 1.22 -6.08 24.59
C MET A 97 0.15 -5.78 25.63
N GLN A 98 -1.08 -6.22 25.37
CA GLN A 98 -2.18 -6.14 26.32
C GLN A 98 -2.78 -7.52 26.52
N LYS A 99 -3.27 -7.78 27.73
CA LYS A 99 -3.95 -9.03 28.00
C LYS A 99 -5.12 -9.18 27.03
N GLY A 100 -5.04 -10.15 26.14
CA GLY A 100 -6.12 -10.30 25.16
C GLY A 100 -5.98 -11.59 24.39
N ASP A 101 -7.02 -11.88 23.60
CA ASP A 101 -7.11 -13.13 22.85
C ASP A 101 -7.15 -12.89 21.34
N CYS A 102 -6.79 -11.69 20.92
CA CYS A 102 -6.76 -11.29 19.49
C CYS A 102 -5.38 -10.67 19.19
N ALA A 103 -5.03 -10.50 17.92
CA ALA A 103 -3.71 -10.02 17.57
C ALA A 103 -3.81 -8.96 16.48
N LEU A 104 -2.98 -7.92 16.61
CA LEU A 104 -2.80 -6.89 15.58
C LEU A 104 -1.56 -7.18 14.74
N TYR A 105 -1.69 -7.04 13.42
CA TYR A 105 -0.51 -7.04 12.56
C TYR A 105 0.27 -5.74 12.74
N ALA A 106 1.59 -5.86 12.84
CA ALA A 106 2.49 -4.71 12.72
C ALA A 106 3.73 -5.14 11.95
N SER A 107 4.31 -4.22 11.18
CA SER A 107 5.53 -4.55 10.44
C SER A 107 6.70 -4.65 11.39
N SER A 108 7.62 -5.57 11.10
CA SER A 108 7.55 -6.42 9.94
C SER A 108 7.23 -7.86 10.35
N PHE A 109 6.07 -8.35 9.90
CA PHE A 109 5.62 -9.70 10.22
C PHE A 109 5.62 -9.96 11.73
N LYS A 110 4.99 -9.05 12.48
CA LYS A 110 4.80 -9.20 13.91
C LYS A 110 3.32 -9.28 14.22
N GLY A 111 3.00 -10.00 15.29
CA GLY A 111 1.65 -10.03 15.82
C GLY A 111 1.65 -9.56 17.26
N TYR A 112 0.91 -8.49 17.56
CA TYR A 112 0.87 -7.94 18.90
C TYR A 112 -0.45 -8.33 19.57
N ILE A 113 -0.36 -8.92 20.76
CA ILE A 113 -1.55 -9.40 21.45
C ILE A 113 -2.35 -8.21 21.96
N GLU A 114 -3.67 -8.26 21.76
CA GLU A 114 -4.52 -7.11 22.01
C GLU A 114 -5.86 -7.58 22.54
N ASN A 115 -6.51 -6.72 23.32
CA ASN A 115 -7.87 -6.97 23.81
C ASN A 115 -8.85 -6.95 22.64
N CYS A 116 -9.57 -8.07 22.45
CA CYS A 116 -10.46 -8.18 21.30
C CYS A 116 -11.53 -7.08 21.24
N SER A 117 -11.85 -6.46 22.38
CA SER A 117 -12.90 -5.45 22.41
C SER A 117 -12.39 -4.03 22.15
N THR A 118 -11.08 -3.83 22.05
CA THR A 118 -10.54 -2.50 21.80
C THR A 118 -10.65 -2.18 20.31
N PRO A 119 -11.35 -1.13 19.91
CA PRO A 119 -11.43 -0.83 18.47
C PRO A 119 -10.07 -0.47 17.93
N ASN A 120 -9.80 -0.91 16.70
CA ASN A 120 -8.56 -0.67 15.98
C ASN A 120 -8.90 -0.58 14.51
N THR A 121 -8.00 -0.01 13.72
CA THR A 121 -8.15 -0.13 12.27
C THR A 121 -7.91 -1.58 11.88
N TYR A 122 -8.29 -1.95 10.65
CA TYR A 122 -8.21 -3.35 10.25
C TYR A 122 -7.94 -3.50 8.76
N ILE A 123 -7.53 -4.70 8.35
CA ILE A 123 -7.22 -5.01 6.96
C ILE A 123 -8.01 -6.25 6.57
N CYS A 124 -8.70 -6.20 5.43
CA CYS A 124 -9.42 -7.35 4.88
C CYS A 124 -8.62 -7.93 3.74
N MET A 125 -8.77 -9.24 3.53
CA MET A 125 -8.05 -9.90 2.46
C MET A 125 -8.90 -11.01 1.87
N GLN A 126 -8.82 -11.16 0.55
CA GLN A 126 -9.41 -12.28 -0.17
C GLN A 126 -8.28 -13.04 -0.87
N ARG A 127 -8.24 -14.35 -0.67
CA ARG A 127 -7.41 -15.23 -1.49
C ARG A 127 -8.19 -15.69 -2.70
N THR A 128 -7.48 -15.90 -3.80
CA THR A 128 -8.07 -16.39 -5.03
C THR A 128 -7.73 -17.86 -5.27
N VAL A 129 -6.93 -18.45 -4.39
CA VAL A 129 -6.41 -19.82 -4.49
C VAL A 129 -6.36 -20.32 -5.94
N SER B 7 -13.38 -9.45 -11.47
CA SER B 7 -12.62 -8.96 -12.62
C SER B 7 -11.12 -8.93 -12.32
N TYR B 8 -10.32 -9.00 -13.37
CA TYR B 8 -8.88 -9.03 -13.25
C TYR B 8 -8.30 -7.65 -13.48
N CYS B 9 -7.16 -7.39 -12.83
CA CYS B 9 -6.46 -6.12 -12.89
C CYS B 9 -5.13 -6.35 -13.61
N GLY B 10 -4.81 -5.48 -14.56
CA GLY B 10 -3.54 -5.56 -15.23
C GLY B 10 -3.66 -5.32 -16.72
N PRO B 11 -2.68 -5.78 -17.49
CA PRO B 11 -1.51 -6.54 -16.99
C PRO B 11 -0.47 -5.66 -16.28
N CYS B 12 0.33 -6.23 -15.36
CA CYS B 12 1.33 -5.53 -14.58
C CYS B 12 2.51 -6.49 -14.37
N PRO B 13 3.73 -5.95 -14.21
CA PRO B 13 4.86 -6.82 -13.82
C PRO B 13 4.52 -7.61 -12.56
N LYS B 14 5.28 -8.70 -12.37
CA LYS B 14 4.85 -9.75 -11.45
C LYS B 14 4.72 -9.24 -10.02
N ASN B 15 5.68 -8.43 -9.57
CA ASN B 15 5.73 -8.01 -8.18
C ASN B 15 5.19 -6.61 -7.96
N TRP B 16 4.29 -6.15 -8.82
CA TRP B 16 3.73 -4.80 -8.70
C TRP B 16 2.32 -4.83 -8.13
N ILE B 17 1.92 -3.71 -7.53
CA ILE B 17 0.56 -3.51 -7.07
C ILE B 17 -0.31 -3.06 -8.24
N CYS B 18 -1.51 -3.65 -8.38
CA CYS B 18 -2.46 -3.29 -9.42
C CYS B 18 -3.70 -2.69 -8.76
N TYR B 19 -4.17 -1.56 -9.29
CA TYR B 19 -5.34 -0.89 -8.72
C TYR B 19 -6.03 -0.14 -9.82
N LYS B 20 -7.26 -0.55 -10.15
CA LYS B 20 -8.05 0.05 -11.21
C LYS B 20 -7.25 0.08 -12.51
N ASN B 21 -6.52 -1.01 -12.76
CA ASN B 21 -5.80 -1.27 -14.01
C ASN B 21 -4.56 -0.43 -14.19
N ASN B 22 -4.11 0.28 -13.15
CA ASN B 22 -2.81 0.92 -13.13
C ASN B 22 -1.88 0.13 -12.23
N CYS B 23 -0.60 0.09 -12.60
CA CYS B 23 0.42 -0.68 -11.89
C CYS B 23 1.34 0.27 -11.13
N TYR B 24 1.64 -0.06 -9.88
CA TYR B 24 2.46 0.80 -9.04
C TYR B 24 3.54 -0.01 -8.34
N GLN B 25 4.72 0.57 -8.15
CA GLN B 25 5.75 -0.13 -7.38
C GLN B 25 6.55 0.88 -6.58
N PHE B 26 6.78 0.56 -5.30
CA PHE B 26 7.60 1.40 -4.44
C PHE B 26 9.05 0.92 -4.44
N PHE B 27 9.98 1.86 -4.51
CA PHE B 27 11.41 1.56 -4.49
C PHE B 27 12.05 2.30 -3.31
N ASP B 28 12.62 1.54 -2.37
CA ASP B 28 13.15 2.09 -1.13
C ASP B 28 14.62 2.49 -1.23
N GLU B 29 15.28 2.18 -2.33
CA GLU B 29 16.62 2.71 -2.59
C GLU B 29 16.51 4.19 -2.92
N GLU B 30 17.28 5.02 -2.23
CA GLU B 30 17.18 6.46 -2.42
C GLU B 30 18.07 6.90 -3.58
N LYS B 31 17.46 7.60 -4.54
CA LYS B 31 18.15 8.07 -5.73
C LYS B 31 17.68 9.48 -6.05
N ASN B 32 18.51 10.23 -6.78
CA ASN B 32 18.06 11.53 -7.24
C ASN B 32 16.96 11.36 -8.29
N TRP B 33 16.35 12.47 -8.68
CA TRP B 33 15.22 12.37 -9.59
C TRP B 33 15.61 11.73 -10.91
N TYR B 34 16.76 12.13 -11.48
CA TYR B 34 17.19 11.57 -12.76
C TYR B 34 17.43 10.07 -12.68
N GLU B 35 18.13 9.62 -11.62
CA GLU B 35 18.31 8.19 -11.41
C GLU B 35 16.96 7.47 -11.28
N SER B 36 16.00 8.11 -10.62
CA SER B 36 14.70 7.46 -10.41
C SER B 36 13.92 7.34 -11.70
N GLN B 37 13.92 8.40 -12.51
CA GLN B 37 13.31 8.32 -13.84
C GLN B 37 13.94 7.22 -14.66
N ALA B 38 15.27 7.11 -14.62
CA ALA B 38 15.96 6.09 -15.38
C ALA B 38 15.57 4.70 -14.89
N SER B 39 15.41 4.54 -13.58
CA SER B 39 15.01 3.26 -13.02
C SER B 39 13.65 2.82 -13.55
N CYS B 40 12.64 3.71 -13.48
CA CYS B 40 11.31 3.35 -13.99
C CYS B 40 11.36 3.01 -15.47
N MET B 41 12.15 3.78 -16.22
CA MET B 41 12.28 3.52 -17.65
C MET B 41 12.84 2.14 -17.91
N SER B 42 13.85 1.74 -17.13
CA SER B 42 14.45 0.43 -17.32
C SER B 42 13.46 -0.70 -17.08
N GLN B 43 12.36 -0.42 -16.37
CA GLN B 43 11.30 -1.40 -16.18
C GLN B 43 10.11 -1.09 -17.08
N ASN B 44 10.35 -0.41 -18.19
CA ASN B 44 9.33 0.10 -19.10
C ASN B 44 8.14 0.69 -18.35
N ALA B 45 8.45 1.69 -17.54
CA ALA B 45 7.43 2.44 -16.81
C ALA B 45 7.88 3.89 -16.72
N SER B 46 7.15 4.67 -15.95
CA SER B 46 7.54 6.06 -15.68
C SER B 46 7.37 6.31 -14.19
N LEU B 47 7.84 7.48 -13.74
CA LEU B 47 7.56 7.87 -12.37
C LEU B 47 6.06 8.15 -12.22
N LEU B 48 5.57 8.02 -10.99
CA LEU B 48 4.18 8.26 -10.69
C LEU B 48 3.65 9.49 -11.40
N LYS B 49 2.55 9.32 -12.13
CA LYS B 49 1.80 10.40 -12.75
C LYS B 49 0.40 10.46 -12.12
N VAL B 50 -0.02 11.64 -11.67
CA VAL B 50 -1.31 11.80 -11.01
C VAL B 50 -2.26 12.46 -12.02
N TYR B 51 -3.30 11.72 -12.43
CA TYR B 51 -4.25 12.21 -13.40
C TYR B 51 -5.70 12.12 -12.95
N SER B 52 -6.00 11.47 -11.83
CA SER B 52 -7.39 11.33 -11.41
C SER B 52 -7.47 10.94 -9.94
N LYS B 53 -8.07 11.80 -9.12
CA LYS B 53 -8.29 11.44 -7.73
C LYS B 53 -9.20 10.24 -7.58
N GLU B 54 -10.14 10.07 -8.51
CA GLU B 54 -11.10 8.96 -8.43
C GLU B 54 -10.43 7.64 -8.82
N ASP B 55 -9.79 7.60 -9.99
CA ASP B 55 -9.14 6.38 -10.45
C ASP B 55 -7.89 6.02 -9.66
N GLN B 56 -7.30 6.97 -8.94
CA GLN B 56 -6.07 6.73 -8.21
C GLN B 56 -6.25 6.98 -6.72
N ASP B 57 -7.42 6.63 -6.18
CA ASP B 57 -7.66 7.01 -4.79
C ASP B 57 -6.81 6.20 -3.80
N LEU B 58 -6.15 5.12 -4.24
CA LEU B 58 -5.23 4.44 -3.35
C LEU B 58 -4.09 5.35 -2.91
N LEU B 59 -3.83 6.43 -3.65
CA LEU B 59 -2.74 7.33 -3.28
C LEU B 59 -3.00 8.06 -1.96
N LYS B 60 -4.26 8.13 -1.53
CA LYS B 60 -4.53 8.64 -0.19
C LYS B 60 -3.90 7.77 0.89
N LEU B 61 -3.67 6.49 0.60
CA LEU B 61 -3.13 5.54 1.57
C LEU B 61 -1.60 5.55 1.64
N VAL B 62 -0.93 6.25 0.73
CA VAL B 62 0.53 6.20 0.65
C VAL B 62 1.15 6.97 1.82
N LYS B 63 2.12 6.35 2.48
CA LYS B 63 2.85 6.95 3.59
C LYS B 63 4.22 7.40 3.11
N SER B 64 4.80 8.34 3.85
CA SER B 64 6.11 8.88 3.49
C SER B 64 6.03 9.68 2.21
N TYR B 65 7.19 10.04 1.63
CA TYR B 65 7.28 10.99 0.52
C TYR B 65 8.22 10.44 -0.54
N HIS B 66 7.83 10.61 -1.81
CA HIS B 66 8.42 9.83 -2.89
C HIS B 66 8.44 10.64 -4.18
N TRP B 67 9.49 10.46 -4.98
CA TRP B 67 9.58 11.14 -6.26
C TRP B 67 8.38 10.76 -7.13
N MET B 68 7.76 11.75 -7.77
CA MET B 68 6.81 11.52 -8.84
C MET B 68 7.35 12.19 -10.10
N GLY B 69 6.61 12.08 -11.20
CA GLY B 69 7.12 12.52 -12.50
C GLY B 69 6.88 13.96 -12.91
N LEU B 70 6.69 14.84 -11.94
CA LEU B 70 6.37 16.24 -12.22
C LEU B 70 7.65 17.05 -12.29
N VAL B 71 7.84 17.79 -13.39
CA VAL B 71 9.05 18.59 -13.58
C VAL B 71 8.64 20.04 -13.84
N HIS B 72 9.46 20.95 -13.33
CA HIS B 72 9.20 22.37 -13.41
C HIS B 72 10.04 22.93 -14.56
N ILE B 73 9.40 23.77 -15.38
CA ILE B 73 10.09 24.44 -16.48
C ILE B 73 10.29 25.89 -16.07
N PRO B 74 11.48 26.27 -15.59
CA PRO B 74 11.66 27.65 -15.08
C PRO B 74 11.40 28.72 -16.12
N THR B 75 11.81 28.51 -17.39
CA THR B 75 11.56 29.55 -18.39
C THR B 75 10.08 29.62 -18.84
N ASN B 76 9.24 28.86 -18.15
CA ASN B 76 7.79 29.01 -18.10
C ASN B 76 7.39 29.21 -16.65
N GLY B 77 6.09 29.26 -16.39
CA GLY B 77 5.67 29.13 -15.01
C GLY B 77 5.12 27.74 -14.82
N SER B 78 5.71 26.77 -15.52
CA SER B 78 5.04 25.53 -15.88
C SER B 78 5.54 24.35 -15.06
N TRP B 79 4.58 23.54 -14.62
CA TRP B 79 4.85 22.18 -14.17
C TRP B 79 4.26 21.22 -15.20
N GLN B 80 4.98 20.15 -15.52
CA GLN B 80 4.50 19.19 -16.50
C GLN B 80 4.98 17.80 -16.10
N TRP B 81 4.29 16.78 -16.62
CA TRP B 81 4.73 15.42 -16.38
C TRP B 81 5.86 15.05 -17.34
N GLU B 82 6.49 13.91 -17.05
CA GLU B 82 7.59 13.41 -17.88
C GLU B 82 7.21 13.35 -19.35
N ASP B 83 6.05 12.78 -19.66
CA ASP B 83 5.63 12.62 -21.04
C ASP B 83 5.25 13.93 -21.71
N GLY B 84 5.42 15.07 -21.02
CA GLY B 84 5.09 16.35 -21.60
C GLY B 84 3.66 16.82 -21.40
N SER B 85 2.82 16.02 -20.74
CA SER B 85 1.45 16.43 -20.51
C SER B 85 1.37 17.38 -19.32
N SER B 86 0.31 18.19 -19.30
CA SER B 86 0.15 19.22 -18.30
C SER B 86 -0.53 18.68 -17.05
N LEU B 87 -0.33 19.38 -15.94
CA LEU B 87 -1.04 19.09 -14.70
C LEU B 87 -2.44 19.69 -14.79
N SER B 88 -3.47 18.86 -14.66
CA SER B 88 -4.83 19.37 -14.78
C SER B 88 -5.34 19.81 -13.41
N PRO B 89 -6.46 20.54 -13.37
CA PRO B 89 -6.87 21.19 -12.12
C PRO B 89 -7.33 20.20 -11.06
N ASN B 90 -7.14 20.62 -9.79
CA ASN B 90 -7.75 19.96 -8.63
C ASN B 90 -7.25 18.54 -8.45
N LEU B 91 -5.97 18.31 -8.77
CA LEU B 91 -5.31 17.03 -8.57
C LEU B 91 -4.24 17.07 -7.50
N LEU B 92 -3.39 18.10 -7.49
CA LEU B 92 -2.32 18.19 -6.51
C LEU B 92 -2.26 19.60 -5.92
N THR B 93 -2.06 19.67 -4.61
CA THR B 93 -1.68 20.91 -3.95
C THR B 93 -0.16 20.99 -3.94
N ILE B 94 0.39 21.98 -4.64
CA ILE B 94 1.84 22.15 -4.79
C ILE B 94 2.33 23.09 -3.70
N ILE B 95 3.28 22.62 -2.89
CA ILE B 95 3.72 23.32 -1.70
C ILE B 95 5.21 23.61 -1.84
N GLU B 96 5.60 24.85 -1.60
CA GLU B 96 7.01 25.18 -1.58
C GLU B 96 7.69 24.45 -0.42
N MET B 97 8.90 23.98 -0.65
CA MET B 97 9.68 23.35 0.42
C MET B 97 11.14 23.68 0.25
N GLN B 98 11.68 23.40 -0.93
CA GLN B 98 13.04 23.75 -1.29
C GLN B 98 13.05 24.37 -2.69
N LYS B 99 14.07 25.17 -2.97
CA LYS B 99 14.22 25.65 -4.33
C LYS B 99 14.61 24.48 -5.23
N GLY B 100 13.75 24.15 -6.18
CA GLY B 100 14.08 23.05 -7.06
C GLY B 100 13.07 22.91 -8.17
N ASP B 101 13.31 21.92 -9.04
CA ASP B 101 12.53 21.75 -10.26
C ASP B 101 11.84 20.39 -10.32
N CYS B 102 11.81 19.66 -9.20
CA CYS B 102 11.19 18.34 -9.09
C CYS B 102 10.19 18.35 -7.93
N ALA B 103 9.47 17.25 -7.75
CA ALA B 103 8.42 17.27 -6.73
C ALA B 103 8.29 15.90 -6.11
N LEU B 104 8.06 15.88 -4.79
CA LEU B 104 7.75 14.66 -4.04
C LEU B 104 6.26 14.56 -3.83
N TYR B 105 5.71 13.37 -4.10
CA TYR B 105 4.34 13.05 -3.73
C TYR B 105 4.22 12.81 -2.23
N ALA B 106 3.17 13.36 -1.60
CA ALA B 106 2.78 12.97 -0.26
C ALA B 106 1.27 12.93 -0.15
N SER B 107 0.76 12.01 0.68
CA SER B 107 -0.68 12.00 0.96
C SER B 107 -1.08 13.25 1.72
N SER B 108 -2.27 13.77 1.45
CA SER B 108 -3.21 13.31 0.43
C SER B 108 -3.15 14.23 -0.81
N PHE B 109 -2.63 13.73 -1.94
CA PHE B 109 -2.58 14.49 -3.18
C PHE B 109 -1.88 15.84 -2.99
N LYS B 110 -0.67 15.77 -2.45
CA LYS B 110 0.20 16.93 -2.28
C LYS B 110 1.48 16.71 -3.08
N GLY B 111 2.06 17.81 -3.57
CA GLY B 111 3.37 17.77 -4.21
C GLY B 111 4.28 18.80 -3.56
N TYR B 112 5.41 18.37 -2.98
CA TYR B 112 6.35 19.25 -2.29
C TYR B 112 7.53 19.50 -3.22
N ILE B 113 7.81 20.78 -3.50
CA ILE B 113 8.87 21.15 -4.43
C ILE B 113 10.22 20.82 -3.82
N GLU B 114 11.06 20.14 -4.58
CA GLU B 114 12.27 19.55 -4.01
C GLU B 114 13.42 19.71 -4.99
N ASN B 115 14.62 19.79 -4.45
CA ASN B 115 15.84 19.80 -5.26
C ASN B 115 15.99 18.45 -5.97
N CYS B 116 16.07 18.49 -7.30
CA CYS B 116 16.14 17.26 -8.10
C CYS B 116 17.32 16.38 -7.74
N SER B 117 18.39 16.96 -7.20
CA SER B 117 19.59 16.22 -6.86
C SER B 117 19.51 15.52 -5.50
N THR B 118 18.49 15.80 -4.70
CA THR B 118 18.41 15.21 -3.37
C THR B 118 17.89 13.78 -3.46
N PRO B 119 18.60 12.81 -2.88
CA PRO B 119 18.12 11.41 -2.95
C PRO B 119 16.84 11.22 -2.15
N ASN B 120 15.91 10.45 -2.74
CA ASN B 120 14.62 10.15 -2.14
C ASN B 120 14.18 8.78 -2.64
N THR B 121 13.21 8.19 -1.94
CA THR B 121 12.56 7.01 -2.50
C THR B 121 11.63 7.42 -3.65
N TYR B 122 11.11 6.42 -4.39
CA TYR B 122 10.32 6.81 -5.55
C TYR B 122 9.28 5.75 -5.86
N ILE B 123 8.28 6.16 -6.64
CA ILE B 123 7.19 5.30 -7.08
C ILE B 123 7.18 5.26 -8.61
N CYS B 124 7.20 4.06 -9.18
CA CYS B 124 7.01 3.90 -10.62
C CYS B 124 5.56 3.51 -10.89
N MET B 125 5.10 3.83 -12.10
CA MET B 125 3.73 3.58 -12.49
C MET B 125 3.69 3.12 -13.94
N GLN B 126 2.79 2.20 -14.25
CA GLN B 126 2.67 1.69 -15.60
C GLN B 126 1.19 1.53 -15.95
N ARG B 127 0.90 1.73 -17.24
CA ARG B 127 -0.47 1.59 -17.74
C ARG B 127 -0.49 1.59 -19.26
C1 VMB C . -2.01 1.88 4.17
C10 VMB C . 4.25 2.84 2.54
C11 VMB C . 4.91 2.81 3.76
C12 VMB C . 6.31 2.89 3.78
C13 VMB C . 7.02 3.03 2.60
C14 VMB C . 6.34 3.03 1.38
C15 VMB C . 4.95 2.93 1.33
C16 VMB C . 4.34 2.81 0.01
C17 VMB C . 4.64 3.75 -0.98
C18 VMB C . 4.07 3.65 -2.25
C19 VMB C . 3.20 2.58 -2.53
C20 VMB C . 2.90 1.64 -1.55
C21 VMB C . 3.48 1.75 -0.29
C22 VMB C . 2.59 2.45 -3.87
C26 VMB C . 0.37 1.01 2.38
C27 VMB C . 0.74 -0.34 2.48
C28 VMB C . 0.47 -1.24 1.44
C29 VMB C . -0.18 -0.80 0.29
C3 VMB C . -1.46 1.30 6.43
C30 VMB C . -0.54 0.55 0.17
C31 VMB C . -0.27 1.44 1.21
C32 VMB C . -1.21 1.02 -1.08
C4 VMB C . 0.34 1.59 4.90
C6 VMB C . 0.68 1.98 3.49
C8 VMB C . 2.77 2.82 2.53
F23 VMB C . 2.30 3.62 -4.49
F24 VMB C . 3.37 1.79 -4.74
F25 VMB C . 1.45 1.70 -3.87
F33 VMB C . -0.90 0.24 -2.15
F34 VMB C . -2.55 1.09 -1.04
F35 VMB C . -0.77 2.26 -1.46
N2 VMB C . -0.99 1.63 5.14
N7 VMB C . 2.12 2.09 3.51
O5 VMB C . 1.15 1.35 5.78
O9 VMB C . 2.23 3.46 1.65
#